data_3RHX
#
_entry.id   3RHX
#
_cell.length_a   208.430
_cell.length_b   57.865
_cell.length_c   65.686
_cell.angle_alpha   90.00
_cell.angle_beta   107.22
_cell.angle_gamma   90.00
#
_symmetry.space_group_name_H-M   'C 1 2 1'
#
loop_
_entity.id
_entity.type
_entity.pdbx_description
1 polymer 'Basic fibroblast growth factor receptor 1'
2 non-polymer (6S)-6-phenyl-5,6-dihydrobenzo[h]quinazolin-2-amine
3 non-polymer 'SULFATE ION'
4 non-polymer 1,2-ETHANEDIOL
5 water water
#
_entity_poly.entity_id   1
_entity_poly.type   'polypeptide(L)'
_entity_poly.pdbx_seq_one_letter_code
;GSEYELPEDPRWELPRDRLVLGKPLGEGAFGQVVLAEAIGLDKDKPNRVTKVAVKMLKSDATEKDLSDLISEMEMMKMIG
KHKNIINLLGACTQDGPLYVIVEYASKGNLREYLQARRPPGLEYSYNPSHNPEEQLSSKDLVSCAYQVARGMEYLASKKC
IHRDLAARNVLVTEDNVMKIADFGLARDIHHIDYYKKTTNGRLPVKWMAPEALFDRIYTHQSDVWSFGVLLWEIFTLGGS
PYPGVPVEELFKLLKEGHRMDKPSNCTNELYMMMRDCWHAVPSQRPTFKQLVEDLDRIVALTSNQE
;
_entity_poly.pdbx_strand_id   B,A
#
# COMPACT_ATOMS: atom_id res chain seq x y z
N SER A 2 12.13 -48.17 4.16
CA SER A 2 12.39 -47.40 2.89
C SER A 2 13.85 -46.89 2.76
N GLU A 3 14.57 -46.93 3.85
CA GLU A 3 16.00 -46.60 3.85
C GLU A 3 16.83 -47.66 3.10
N TYR A 4 16.32 -48.88 3.03
CA TYR A 4 16.89 -49.95 2.21
C TYR A 4 16.19 -50.13 0.85
N GLU A 5 14.86 -50.16 0.83
CA GLU A 5 14.11 -50.26 -0.42
C GLU A 5 12.74 -49.71 -0.29
N LEU A 6 12.27 -49.03 -1.34
CA LEU A 6 10.88 -48.59 -1.36
C LEU A 6 9.87 -49.64 -1.85
N PRO A 7 8.62 -49.50 -1.36
CA PRO A 7 7.53 -50.37 -1.86
C PRO A 7 7.38 -50.14 -3.31
N GLU A 8 6.98 -51.20 -3.99
CA GLU A 8 6.77 -51.19 -5.41
C GLU A 8 5.37 -50.71 -5.76
N ASP A 9 5.24 -50.01 -6.88
CA ASP A 9 3.89 -49.68 -7.38
C ASP A 9 3.93 -49.64 -8.91
N PRO A 10 3.71 -50.79 -9.55
CA PRO A 10 3.83 -50.96 -11.01
C PRO A 10 3.05 -49.99 -11.87
N ARG A 11 1.89 -49.57 -11.43
CA ARG A 11 1.10 -48.60 -12.17
C ARG A 11 1.80 -47.28 -12.43
N TRP A 12 2.76 -46.90 -11.60
CA TRP A 12 3.44 -45.64 -11.76
C TRP A 12 4.91 -45.74 -12.13
N GLU A 13 5.50 -46.92 -12.03
CA GLU A 13 6.94 -47.06 -12.21
C GLU A 13 7.44 -46.88 -13.61
N LEU A 14 8.47 -46.08 -13.78
CA LEU A 14 9.07 -45.84 -15.06
C LEU A 14 10.48 -46.35 -14.99
N PRO A 15 10.91 -47.02 -16.04
CA PRO A 15 12.26 -47.55 -16.07
C PRO A 15 13.25 -46.41 -16.17
N ARG A 16 14.33 -46.48 -15.43
CA ARG A 16 15.30 -45.42 -15.42
C ARG A 16 15.89 -45.14 -16.81
N ASP A 17 16.06 -46.19 -17.63
CA ASP A 17 16.58 -46.00 -18.99
C ASP A 17 15.60 -45.19 -19.86
N ARG A 18 14.37 -45.01 -19.36
CA ARG A 18 13.35 -44.23 -20.07
C ARG A 18 13.28 -42.75 -19.62
N LEU A 19 14.25 -42.31 -18.81
CA LEU A 19 14.25 -40.97 -18.29
C LEU A 19 15.63 -40.35 -18.40
N VAL A 20 15.71 -39.17 -18.95
CA VAL A 20 16.98 -38.49 -19.11
C VAL A 20 16.89 -37.16 -18.41
N LEU A 21 17.66 -37.02 -17.34
CA LEU A 21 17.57 -35.83 -16.46
C LEU A 21 18.24 -34.65 -17.14
N GLY A 22 17.76 -33.44 -16.86
CA GLY A 22 18.23 -32.25 -17.52
C GLY A 22 18.58 -31.17 -16.52
N LYS A 23 18.32 -29.91 -16.91
CA LYS A 23 18.76 -28.72 -16.18
C LYS A 23 17.91 -28.49 -14.93
N PRO A 24 18.45 -27.77 -13.92
CA PRO A 24 17.63 -27.43 -12.73
C PRO A 24 16.42 -26.58 -13.05
N LEU A 25 15.34 -26.75 -12.29
CA LEU A 25 14.19 -25.85 -12.38
C LEU A 25 13.90 -25.21 -11.01
N GLY A 26 14.61 -25.65 -9.97
CA GLY A 26 14.23 -25.30 -8.62
C GLY A 26 14.94 -26.18 -7.60
N GLU A 27 15.50 -25.54 -6.58
CA GLU A 27 16.22 -26.16 -5.47
C GLU A 27 15.39 -25.73 -4.28
N GLY A 28 15.75 -26.19 -3.09
CA GLY A 28 15.05 -25.79 -1.86
C GLY A 28 15.55 -26.68 -0.76
N ALA A 29 14.85 -26.72 0.38
CA ALA A 29 15.11 -27.78 1.33
C ALA A 29 14.06 -28.89 1.08
N PHE A 30 13.31 -28.76 -0.02
CA PHE A 30 12.42 -29.82 -0.49
C PHE A 30 13.15 -30.81 -1.39
N GLY A 31 14.47 -30.72 -1.42
CA GLY A 31 15.19 -31.41 -2.46
C GLY A 31 15.31 -30.45 -3.62
N GLN A 32 15.26 -31.01 -4.83
CA GLN A 32 15.50 -30.25 -6.03
C GLN A 32 14.61 -30.80 -7.13
N VAL A 33 14.28 -29.94 -8.08
CA VAL A 33 13.56 -30.33 -9.23
C VAL A 33 14.37 -30.04 -10.50
N VAL A 34 14.35 -30.97 -11.45
CA VAL A 34 15.03 -30.81 -12.72
C VAL A 34 14.08 -31.03 -13.91
N LEU A 35 14.41 -30.42 -15.03
CA LEU A 35 13.71 -30.71 -16.28
C LEU A 35 14.18 -32.08 -16.72
N ALA A 36 13.32 -32.90 -17.31
CA ALA A 36 13.76 -34.18 -17.84
C ALA A 36 12.97 -34.57 -19.07
N GLU A 37 13.44 -35.60 -19.76
CA GLU A 37 12.73 -36.09 -20.92
C GLU A 37 12.33 -37.49 -20.63
N ALA A 38 11.03 -37.73 -20.70
CA ALA A 38 10.52 -39.08 -20.41
C ALA A 38 10.07 -39.80 -21.68
N ILE A 39 10.59 -41.00 -21.88
CA ILE A 39 10.22 -41.82 -23.06
C ILE A 39 9.07 -42.76 -22.74
N GLY A 40 7.95 -42.60 -23.45
CA GLY A 40 6.79 -43.50 -23.31
C GLY A 40 6.05 -43.65 -21.97
N LEU A 41 5.55 -42.56 -21.39
CA LEU A 41 4.74 -42.60 -20.16
C LEU A 41 3.36 -43.26 -20.37
N PRO A 46 4.01 -44.03 -26.75
CA PRO A 46 4.64 -45.35 -26.44
C PRO A 46 6.16 -45.30 -26.69
N ASN A 47 6.54 -44.62 -27.76
CA ASN A 47 7.91 -44.26 -27.99
C ASN A 47 7.89 -42.74 -28.02
N ARG A 48 6.77 -42.20 -27.55
CA ARG A 48 6.55 -40.75 -27.33
C ARG A 48 7.54 -40.14 -26.30
N VAL A 49 8.19 -39.04 -26.69
CA VAL A 49 9.06 -38.27 -25.81
C VAL A 49 8.30 -37.08 -25.18
N THR A 50 8.27 -36.99 -23.85
CA THR A 50 7.61 -35.90 -23.11
C THR A 50 8.61 -35.11 -22.23
N LYS A 51 8.62 -33.78 -22.33
CA LYS A 51 9.32 -32.94 -21.34
C LYS A 51 8.54 -33.00 -20.02
N VAL A 52 9.25 -33.42 -18.97
CA VAL A 52 8.62 -33.58 -17.63
C VAL A 52 9.47 -32.87 -16.61
N ALA A 53 8.92 -32.61 -15.41
CA ALA A 53 9.71 -32.15 -14.24
C ALA A 53 9.86 -33.33 -13.27
N VAL A 54 11.05 -33.41 -12.64
CA VAL A 54 11.37 -34.51 -11.76
C VAL A 54 11.79 -33.98 -10.40
N LYS A 55 11.12 -34.40 -9.34
CA LYS A 55 11.55 -33.98 -8.00
C LYS A 55 12.29 -35.14 -7.34
N MET A 56 13.36 -34.82 -6.65
CA MET A 56 14.22 -35.86 -6.04
C MET A 56 14.87 -35.25 -4.78
N LEU A 57 15.48 -36.09 -3.96
CA LEU A 57 16.19 -35.62 -2.78
C LEU A 57 17.48 -34.96 -3.19
N LYS A 58 18.00 -34.12 -2.33
CA LYS A 58 19.35 -33.66 -2.55
C LYS A 58 20.29 -34.58 -1.75
N SER A 59 21.58 -34.48 -2.01
CA SER A 59 22.53 -35.45 -1.47
C SER A 59 22.72 -35.36 0.04
N ASP A 60 22.27 -34.27 0.66
CA ASP A 60 22.30 -34.18 2.10
C ASP A 60 20.98 -34.50 2.76
N ALA A 61 20.04 -35.07 2.01
CA ALA A 61 18.69 -35.34 2.57
C ALA A 61 18.79 -36.40 3.62
N THR A 62 17.84 -36.44 4.57
CA THR A 62 17.79 -37.52 5.59
C THR A 62 16.68 -38.52 5.29
N GLU A 63 16.60 -39.56 6.13
CA GLU A 63 15.56 -40.53 6.10
C GLU A 63 14.15 -39.90 6.24
N LYS A 64 14.04 -38.83 7.05
CA LYS A 64 12.76 -38.12 7.19
C LYS A 64 12.47 -37.36 5.90
N ASP A 65 13.46 -36.79 5.25
CA ASP A 65 13.18 -36.13 3.93
C ASP A 65 12.70 -37.13 2.91
N LEU A 66 13.28 -38.33 2.90
CA LEU A 66 12.77 -39.40 2.03
C LEU A 66 11.27 -39.68 2.28
N SER A 67 10.93 -39.86 3.53
CA SER A 67 9.57 -40.22 3.84
C SER A 67 8.58 -39.04 3.55
N ASP A 68 9.00 -37.76 3.66
CA ASP A 68 8.20 -36.60 3.16
C ASP A 68 8.01 -36.60 1.64
N LEU A 69 9.08 -36.88 0.91
CA LEU A 69 8.95 -37.02 -0.57
C LEU A 69 8.01 -38.15 -0.98
N ILE A 70 8.14 -39.29 -0.30
CA ILE A 70 7.24 -40.40 -0.55
C ILE A 70 5.78 -39.98 -0.23
N SER A 71 5.56 -39.40 0.94
CA SER A 71 4.19 -39.07 1.27
C SER A 71 3.60 -38.00 0.30
N GLU A 72 4.42 -37.08 -0.23
CA GLU A 72 3.91 -36.17 -1.28
C GLU A 72 3.51 -36.92 -2.56
N MET A 73 4.34 -37.87 -2.99
CA MET A 73 4.04 -38.71 -4.16
C MET A 73 2.74 -39.47 -3.86
N GLU A 74 2.65 -40.05 -2.68
CA GLU A 74 1.49 -40.86 -2.35
C GLU A 74 0.19 -39.96 -2.29
N MET A 75 0.33 -38.72 -1.80
CA MET A 75 -0.84 -37.81 -1.75
C MET A 75 -1.32 -37.45 -3.16
N MET A 76 -0.38 -37.22 -4.08
CA MET A 76 -0.71 -36.98 -5.50
C MET A 76 -1.41 -38.16 -6.14
N LYS A 77 -1.01 -39.40 -5.81
CA LYS A 77 -1.78 -40.56 -6.28
C LYS A 77 -3.25 -40.52 -5.83
N MET A 78 -3.47 -40.27 -4.55
CA MET A 78 -4.79 -40.26 -3.96
C MET A 78 -5.67 -39.16 -4.54
N ILE A 79 -5.06 -38.01 -4.90
CA ILE A 79 -5.77 -36.79 -5.26
C ILE A 79 -6.28 -36.93 -6.66
N GLY A 80 -5.47 -37.53 -7.53
CA GLY A 80 -5.97 -37.83 -8.88
C GLY A 80 -5.79 -36.60 -9.74
N LYS A 81 -6.16 -36.72 -11.00
CA LYS A 81 -5.83 -35.79 -12.06
C LYS A 81 -6.79 -34.60 -12.18
N HIS A 82 -6.23 -33.44 -12.50
CA HIS A 82 -7.08 -32.29 -12.81
C HIS A 82 -6.28 -31.34 -13.66
N LYS A 83 -6.95 -30.76 -14.66
CA LYS A 83 -6.27 -29.89 -15.62
C LYS A 83 -5.51 -28.70 -14.96
N ASN A 84 -6.04 -28.18 -13.86
CA ASN A 84 -5.46 -27.01 -13.19
C ASN A 84 -4.62 -27.31 -11.92
N ILE A 85 -4.12 -28.54 -11.83
CA ILE A 85 -3.09 -28.90 -10.86
C ILE A 85 -1.90 -29.53 -11.61
N ILE A 86 -0.71 -29.46 -11.01
CA ILE A 86 0.46 -30.19 -11.50
C ILE A 86 0.22 -31.68 -11.22
N ASN A 87 0.17 -32.51 -12.27
CA ASN A 87 -0.22 -33.93 -12.09
C ASN A 87 0.96 -34.84 -12.01
N LEU A 88 0.75 -35.91 -11.25
CA LEU A 88 1.76 -36.96 -11.17
C LEU A 88 1.71 -37.79 -12.43
N LEU A 89 2.87 -38.02 -13.05
CA LEU A 89 2.98 -38.83 -14.26
C LEU A 89 3.70 -40.15 -14.05
N GLY A 90 4.52 -40.26 -13.01
CA GLY A 90 5.37 -41.46 -12.97
C GLY A 90 6.35 -41.30 -11.85
N ALA A 91 7.17 -42.35 -11.66
CA ALA A 91 8.15 -42.41 -10.59
C ALA A 91 9.19 -43.50 -10.84
N CYS A 92 10.43 -43.22 -10.43
CA CYS A 92 11.44 -44.28 -10.31
C CYS A 92 11.65 -44.45 -8.81
N THR A 93 11.20 -45.57 -8.29
CA THR A 93 11.27 -45.79 -6.83
C THR A 93 12.27 -46.90 -6.49
N GLN A 94 12.57 -47.73 -7.48
CA GLN A 94 13.40 -48.97 -7.33
C GLN A 94 14.86 -48.82 -7.68
N ASP A 95 15.75 -49.48 -6.93
CA ASP A 95 17.17 -49.56 -7.31
C ASP A 95 17.75 -48.22 -7.63
N GLY A 96 17.68 -47.27 -6.69
CA GLY A 96 18.20 -45.96 -6.91
C GLY A 96 17.35 -44.83 -6.33
N PRO A 97 17.82 -43.58 -6.44
CA PRO A 97 17.15 -42.48 -5.79
C PRO A 97 15.72 -42.36 -6.28
N LEU A 98 14.88 -41.92 -5.39
CA LEU A 98 13.49 -41.69 -5.74
C LEU A 98 13.37 -40.51 -6.67
N TYR A 99 12.68 -40.75 -7.78
CA TYR A 99 12.34 -39.71 -8.71
C TYR A 99 10.81 -39.56 -8.80
N VAL A 100 10.29 -38.36 -8.55
CA VAL A 100 8.82 -38.18 -8.63
C VAL A 100 8.58 -37.37 -9.87
N ILE A 101 7.87 -37.95 -10.85
CA ILE A 101 7.91 -37.36 -12.19
C ILE A 101 6.55 -36.67 -12.40
N VAL A 102 6.57 -35.38 -12.68
CA VAL A 102 5.32 -34.62 -12.77
C VAL A 102 5.30 -33.78 -14.03
N GLU A 103 4.13 -33.20 -14.38
CA GLU A 103 4.03 -32.23 -15.48
C GLU A 103 4.94 -31.01 -15.43
N TYR A 104 5.45 -30.64 -16.59
CA TYR A 104 6.36 -29.50 -16.64
C TYR A 104 5.58 -28.22 -17.07
N ALA A 105 5.87 -27.11 -16.40
CA ALA A 105 5.34 -25.78 -16.79
C ALA A 105 6.47 -24.89 -17.31
N SER A 106 6.51 -24.66 -18.62
CA SER A 106 7.58 -23.91 -19.26
C SER A 106 7.49 -22.38 -19.09
N LYS A 107 6.37 -21.88 -18.60
CA LYS A 107 6.26 -20.44 -18.45
C LYS A 107 6.45 -19.89 -17.00
N GLY A 108 7.00 -20.69 -16.10
CA GLY A 108 7.29 -20.23 -14.77
C GLY A 108 6.11 -20.11 -13.81
N ASN A 109 6.31 -19.47 -12.69
CA ASN A 109 5.23 -19.26 -11.76
C ASN A 109 4.38 -18.10 -12.23
N LEU A 110 3.18 -17.97 -11.71
CA LEU A 110 2.23 -16.93 -12.12
C LEU A 110 2.71 -15.50 -11.83
N ARG A 111 3.45 -15.30 -10.77
CA ARG A 111 4.06 -14.02 -10.47
C ARG A 111 4.96 -13.60 -11.61
N GLU A 112 5.91 -14.42 -11.97
CA GLU A 112 6.82 -14.18 -13.06
C GLU A 112 6.08 -13.97 -14.38
N TYR A 113 5.09 -14.81 -14.65
CA TYR A 113 4.24 -14.72 -15.84
C TYR A 113 3.52 -13.37 -15.93
N LEU A 114 3.10 -12.81 -14.82
CA LEU A 114 2.30 -11.60 -14.83
C LEU A 114 3.27 -10.45 -14.97
N GLN A 115 4.39 -10.57 -14.28
CA GLN A 115 5.36 -9.48 -14.30
C GLN A 115 6.01 -9.26 -15.68
N ALA A 116 6.22 -10.33 -16.44
CA ALA A 116 6.83 -10.23 -17.75
C ALA A 116 5.84 -9.70 -18.76
N ARG A 117 4.57 -9.59 -18.37
CA ARG A 117 3.55 -9.26 -19.31
C ARG A 117 2.88 -7.95 -18.97
N ARG A 118 3.56 -7.12 -18.19
CA ARG A 118 2.95 -5.81 -17.82
C ARG A 118 2.84 -4.82 -19.01
N GLN A 135 1.07 -10.11 -23.65
CA GLN A 135 0.34 -9.05 -22.96
C GLN A 135 -1.07 -9.52 -22.59
N LEU A 136 -1.50 -9.24 -21.36
CA LEU A 136 -2.79 -9.76 -20.91
C LEU A 136 -3.98 -8.79 -20.93
N SER A 137 -5.08 -9.25 -21.52
CA SER A 137 -6.38 -8.60 -21.47
C SER A 137 -7.05 -8.76 -20.09
N SER A 138 -8.07 -7.93 -19.82
CA SER A 138 -8.84 -8.06 -18.59
C SER A 138 -9.48 -9.45 -18.52
N LYS A 139 -9.86 -10.01 -19.67
CA LYS A 139 -10.47 -11.34 -19.73
C LYS A 139 -9.45 -12.42 -19.30
N ASP A 140 -8.24 -12.32 -19.85
CA ASP A 140 -7.11 -13.15 -19.49
C ASP A 140 -6.91 -13.18 -17.98
N LEU A 141 -7.04 -12.04 -17.32
CA LEU A 141 -6.75 -11.97 -15.89
C LEU A 141 -7.85 -12.64 -15.10
N VAL A 142 -9.09 -12.41 -15.48
CA VAL A 142 -10.15 -13.07 -14.74
C VAL A 142 -10.04 -14.60 -15.04
N SER A 143 -9.60 -14.92 -16.25
CA SER A 143 -9.41 -16.28 -16.61
C SER A 143 -8.34 -16.98 -15.73
N CYS A 144 -7.19 -16.33 -15.49
CA CYS A 144 -6.20 -16.85 -14.56
C CYS A 144 -6.87 -17.13 -13.25
N ALA A 145 -7.62 -16.18 -12.68
CA ALA A 145 -8.34 -16.37 -11.40
C ALA A 145 -9.30 -17.57 -11.40
N TYR A 146 -10.05 -17.74 -12.46
CA TYR A 146 -10.98 -18.87 -12.61
C TYR A 146 -10.23 -20.24 -12.67
N GLN A 147 -9.20 -20.34 -13.50
CA GLN A 147 -8.40 -21.57 -13.57
C GLN A 147 -7.84 -21.94 -12.18
N VAL A 148 -7.27 -20.95 -11.46
CA VAL A 148 -6.80 -21.21 -10.12
C VAL A 148 -7.94 -21.64 -9.15
N ALA A 149 -9.06 -20.90 -9.13
CA ALA A 149 -10.21 -21.34 -8.31
C ALA A 149 -10.64 -22.77 -8.67
N ARG A 150 -10.59 -23.13 -9.95
CA ARG A 150 -11.00 -24.47 -10.43
C ARG A 150 -10.09 -25.53 -9.80
N GLY A 151 -8.79 -25.23 -9.73
CA GLY A 151 -7.78 -26.18 -9.28
C GLY A 151 -8.02 -26.35 -7.85
N MET A 152 -8.22 -25.21 -7.16
CA MET A 152 -8.55 -25.23 -5.76
C MET A 152 -9.89 -25.94 -5.39
N GLU A 153 -10.93 -25.73 -6.16
CA GLU A 153 -12.22 -26.41 -5.96
C GLU A 153 -11.99 -27.95 -6.04
N TYR A 154 -11.31 -28.40 -7.10
CA TYR A 154 -10.91 -29.81 -7.23
C TYR A 154 -10.13 -30.32 -5.99
N LEU A 155 -9.07 -29.62 -5.60
CA LEU A 155 -8.27 -30.06 -4.47
C LEU A 155 -9.15 -30.12 -3.24
N ALA A 156 -9.92 -29.06 -2.99
CA ALA A 156 -10.77 -29.06 -1.80
C ALA A 156 -11.71 -30.29 -1.81
N SER A 157 -12.27 -30.62 -2.97
CA SER A 157 -13.15 -31.79 -3.11
C SER A 157 -12.43 -33.12 -2.78
N LYS A 158 -11.10 -33.11 -2.97
CA LYS A 158 -10.23 -34.22 -2.53
C LYS A 158 -9.66 -34.05 -1.12
N LYS A 159 -10.25 -33.15 -0.32
CA LYS A 159 -9.80 -32.92 1.04
C LYS A 159 -8.39 -32.30 1.16
N CYS A 160 -7.88 -31.74 0.09
CA CYS A 160 -6.50 -31.21 0.19
C CYS A 160 -6.57 -29.74 0.61
N ILE A 161 -5.90 -29.40 1.69
CA ILE A 161 -5.78 -28.04 2.10
C ILE A 161 -4.38 -27.61 1.75
N HIS A 162 -4.25 -26.57 0.94
CA HIS A 162 -2.96 -26.16 0.43
C HIS A 162 -2.05 -25.50 1.44
N ARG A 163 -2.52 -24.50 2.15
CA ARG A 163 -1.76 -23.87 3.22
C ARG A 163 -0.76 -22.76 2.80
N ASP A 164 -0.36 -22.72 1.52
CA ASP A 164 0.42 -21.60 0.98
C ASP A 164 0.04 -21.26 -0.44
N LEU A 165 -1.24 -21.07 -0.68
CA LEU A 165 -1.70 -20.71 -1.99
C LEU A 165 -1.18 -19.29 -2.20
N ALA A 166 -0.38 -19.12 -3.23
CA ALA A 166 0.11 -17.79 -3.59
C ALA A 166 0.47 -17.87 -5.05
N ALA A 167 0.54 -16.74 -5.77
CA ALA A 167 0.92 -16.80 -7.23
C ALA A 167 2.26 -17.55 -7.44
N ARG A 168 3.16 -17.43 -6.49
CA ARG A 168 4.44 -18.19 -6.59
C ARG A 168 4.21 -19.70 -6.68
N ASN A 169 3.06 -20.20 -6.17
CA ASN A 169 2.80 -21.62 -6.20
C ASN A 169 1.80 -22.04 -7.26
N VAL A 170 1.56 -21.15 -8.23
CA VAL A 170 0.84 -21.50 -9.44
C VAL A 170 1.79 -21.52 -10.62
N LEU A 171 1.81 -22.59 -11.40
CA LEU A 171 2.78 -22.65 -12.48
C LEU A 171 1.98 -22.53 -13.75
N VAL A 172 2.63 -22.01 -14.79
CA VAL A 172 1.95 -21.80 -16.07
C VAL A 172 2.58 -22.65 -17.21
N THR A 173 1.75 -23.36 -17.93
CA THR A 173 2.32 -24.20 -19.03
C THR A 173 2.49 -23.45 -20.35
N GLU A 174 3.24 -24.13 -21.23
CA GLU A 174 3.43 -23.74 -22.62
C GLU A 174 2.15 -23.18 -23.21
N ASP A 175 1.01 -23.84 -23.02
CA ASP A 175 -0.28 -23.35 -23.55
C ASP A 175 -1.12 -22.48 -22.57
N ASN A 176 -0.43 -21.89 -21.60
CA ASN A 176 -1.02 -20.94 -20.65
C ASN A 176 -2.05 -21.51 -19.73
N VAL A 177 -1.93 -22.78 -19.37
CA VAL A 177 -2.85 -23.38 -18.40
C VAL A 177 -2.26 -23.12 -17.00
N MET A 178 -3.06 -22.58 -16.08
CA MET A 178 -2.66 -22.45 -14.66
C MET A 178 -2.77 -23.80 -13.97
N LYS A 179 -1.72 -24.11 -13.16
CA LYS A 179 -1.58 -25.40 -12.42
C LYS A 179 -1.01 -25.13 -11.04
N ILE A 180 -1.82 -25.38 -10.02
CA ILE A 180 -1.35 -25.29 -8.66
C ILE A 180 -0.24 -26.33 -8.42
N ALA A 181 0.83 -25.91 -7.78
CA ALA A 181 1.95 -26.80 -7.46
C ALA A 181 2.06 -26.89 -5.93
N ASP A 182 2.84 -27.84 -5.45
CA ASP A 182 3.14 -27.93 -4.02
C ASP A 182 1.88 -28.12 -3.15
N PHE A 183 0.85 -28.79 -3.66
CA PHE A 183 -0.35 -29.02 -2.87
C PHE A 183 -0.26 -30.32 -2.03
N GLY A 184 0.69 -31.17 -2.37
CA GLY A 184 0.82 -32.52 -1.77
C GLY A 184 1.86 -32.50 -0.69
N LEU A 185 2.33 -31.30 -0.31
CA LEU A 185 3.46 -31.19 0.63
C LEU A 185 3.17 -31.79 2.00
N ALA A 186 4.20 -32.42 2.61
CA ALA A 186 3.99 -33.09 3.92
C ALA A 186 3.95 -32.13 5.09
N ASP A 193 7.42 -20.65 11.14
CA ASP A 193 8.61 -19.87 10.83
C ASP A 193 8.24 -18.57 10.19
N TYR A 194 7.55 -17.72 10.93
CA TYR A 194 7.01 -16.50 10.39
C TYR A 194 8.01 -15.59 9.75
N TYR A 195 9.27 -15.80 10.04
CA TYR A 195 10.26 -14.85 9.60
C TYR A 195 10.99 -15.20 8.32
N LYS A 196 10.77 -16.39 7.80
CA LYS A 196 11.46 -16.87 6.62
C LYS A 196 10.94 -16.26 5.35
N LYS A 197 11.83 -15.80 4.50
CA LYS A 197 11.46 -15.17 3.27
C LYS A 197 11.55 -16.14 2.11
N THR A 198 10.78 -15.90 1.08
CA THR A 198 10.88 -16.71 -0.10
C THR A 198 12.06 -16.25 -0.92
N THR A 199 12.32 -16.91 -2.03
CA THR A 199 13.38 -16.56 -2.94
C THR A 199 13.35 -15.12 -3.42
N ASN A 200 12.19 -14.68 -3.83
CA ASN A 200 11.88 -13.30 -4.04
C ASN A 200 11.59 -12.86 -2.63
N GLY A 201 12.43 -12.04 -2.02
CA GLY A 201 12.31 -11.74 -0.61
C GLY A 201 11.00 -11.31 0.03
N ARG A 202 9.93 -12.04 -0.17
CA ARG A 202 8.62 -11.72 0.37
C ARG A 202 8.27 -12.66 1.52
N LEU A 203 7.42 -12.22 2.44
CA LEU A 203 7.08 -13.03 3.62
C LEU A 203 5.75 -13.77 3.42
N PRO A 204 5.78 -15.14 3.40
CA PRO A 204 4.55 -15.97 3.23
C PRO A 204 3.37 -15.70 4.22
N VAL A 205 3.66 -15.16 5.40
CA VAL A 205 2.59 -14.85 6.32
C VAL A 205 1.61 -13.81 5.73
N LYS A 206 2.02 -13.08 4.68
CA LYS A 206 1.14 -12.07 4.06
C LYS A 206 0.02 -12.68 3.26
N TRP A 207 0.04 -13.98 3.03
CA TRP A 207 -1.03 -14.74 2.40
C TRP A 207 -1.93 -15.57 3.36
N MET A 208 -1.55 -15.66 4.62
CA MET A 208 -2.22 -16.53 5.59
C MET A 208 -3.44 -15.89 6.25
N ALA A 209 -4.57 -16.58 6.24
CA ALA A 209 -5.76 -16.13 6.94
C ALA A 209 -5.50 -15.83 8.39
N PRO A 210 -6.26 -14.94 9.00
CA PRO A 210 -5.99 -14.66 10.41
C PRO A 210 -6.25 -15.89 11.27
N GLU A 211 -7.30 -16.66 11.02
CA GLU A 211 -7.47 -17.83 11.86
C GLU A 211 -6.28 -18.76 11.79
N ALA A 212 -5.73 -18.95 10.61
CA ALA A 212 -4.51 -19.76 10.42
C ALA A 212 -3.30 -19.20 11.15
N LEU A 213 -3.10 -17.89 11.08
CA LEU A 213 -1.88 -17.27 11.62
C LEU A 213 -1.90 -17.16 13.14
N PHE A 214 -3.04 -16.68 13.64
CA PHE A 214 -3.21 -16.51 15.06
C PHE A 214 -3.56 -17.81 15.78
N ASP A 215 -4.62 -18.48 15.33
CA ASP A 215 -5.11 -19.64 16.04
C ASP A 215 -4.63 -20.96 15.41
N ARG A 216 -3.97 -20.87 14.26
CA ARG A 216 -3.38 -22.06 13.64
C ARG A 216 -4.47 -23.10 13.18
N ILE A 217 -5.58 -22.53 12.73
CA ILE A 217 -6.69 -23.26 12.16
C ILE A 217 -6.57 -23.16 10.62
N TYR A 218 -6.35 -24.30 9.98
CA TYR A 218 -6.20 -24.40 8.54
C TYR A 218 -7.37 -25.17 7.91
N THR A 219 -8.14 -24.47 7.08
CA THR A 219 -9.26 -25.11 6.44
C THR A 219 -9.25 -24.78 4.98
N HIS A 220 -10.24 -25.31 4.26
CA HIS A 220 -10.56 -24.84 2.95
C HIS A 220 -10.83 -23.33 2.92
N GLN A 221 -11.49 -22.81 3.94
CA GLN A 221 -11.79 -21.35 4.05
C GLN A 221 -10.56 -20.47 4.41
N SER A 222 -9.58 -21.00 5.11
CA SER A 222 -8.34 -20.23 5.24
C SER A 222 -7.58 -20.21 3.89
N ASP A 223 -7.66 -21.29 3.09
CA ASP A 223 -7.14 -21.23 1.72
C ASP A 223 -7.94 -20.19 0.92
N VAL A 224 -9.20 -20.00 1.26
CA VAL A 224 -9.99 -19.03 0.49
C VAL A 224 -9.46 -17.59 0.72
N TRP A 225 -9.10 -17.27 1.96
CA TRP A 225 -8.42 -15.98 2.25
C TRP A 225 -7.15 -15.81 1.41
N SER A 226 -6.35 -16.87 1.32
CA SER A 226 -5.11 -16.84 0.53
C SER A 226 -5.43 -16.61 -0.92
N PHE A 227 -6.50 -17.22 -1.41
CA PHE A 227 -6.94 -16.99 -2.81
C PHE A 227 -7.23 -15.46 -3.07
N GLY A 228 -7.78 -14.80 -2.05
CA GLY A 228 -8.07 -13.37 -2.09
C GLY A 228 -6.76 -12.57 -2.37
N VAL A 229 -5.71 -12.84 -1.59
CA VAL A 229 -4.39 -12.24 -1.79
C VAL A 229 -3.90 -12.59 -3.19
N LEU A 230 -4.10 -13.83 -3.60
CA LEU A 230 -3.67 -14.27 -4.93
C LEU A 230 -4.45 -13.48 -6.03
N LEU A 231 -5.75 -13.29 -5.84
CA LEU A 231 -6.54 -12.36 -6.73
C LEU A 231 -5.89 -10.96 -6.78
N TRP A 232 -5.54 -10.40 -5.63
CA TRP A 232 -4.81 -9.13 -5.61
C TRP A 232 -3.50 -9.17 -6.40
N GLU A 233 -2.72 -10.25 -6.24
CA GLU A 233 -1.52 -10.42 -7.01
C GLU A 233 -1.83 -10.40 -8.50
N ILE A 234 -2.90 -11.10 -8.88
CA ILE A 234 -3.29 -11.15 -10.29
C ILE A 234 -3.63 -9.74 -10.78
N PHE A 235 -4.45 -8.99 -10.05
CA PHE A 235 -4.91 -7.71 -10.64
C PHE A 235 -3.95 -6.55 -10.43
N THR A 236 -2.87 -6.80 -9.73
CA THR A 236 -1.76 -5.86 -9.73
C THR A 236 -0.63 -6.33 -10.63
N LEU A 237 -0.85 -7.37 -11.45
CA LEU A 237 0.16 -7.90 -12.40
C LEU A 237 1.45 -8.31 -11.68
N GLY A 238 1.24 -9.00 -10.57
CA GLY A 238 2.30 -9.66 -9.86
C GLY A 238 2.90 -8.73 -8.81
N GLY A 239 2.08 -7.82 -8.26
CA GLY A 239 2.50 -6.95 -7.13
C GLY A 239 2.78 -7.70 -5.85
N SER A 240 3.47 -6.99 -4.96
CA SER A 240 3.98 -7.48 -3.67
C SER A 240 3.06 -7.04 -2.52
N PRO A 241 2.43 -7.98 -1.82
CA PRO A 241 1.52 -7.50 -0.76
C PRO A 241 2.28 -6.81 0.34
N TYR A 242 1.71 -5.75 0.89
CA TYR A 242 2.34 -5.06 2.05
C TYR A 242 3.84 -4.83 1.87
N PRO A 243 4.26 -4.09 0.81
CA PRO A 243 5.75 -4.02 0.66
C PRO A 243 6.37 -3.25 1.80
N GLY A 244 7.45 -3.82 2.33
CA GLY A 244 8.20 -3.23 3.42
C GLY A 244 7.65 -3.45 4.83
N VAL A 245 6.60 -4.25 4.98
CA VAL A 245 5.94 -4.43 6.29
C VAL A 245 6.54 -5.69 6.92
N PRO A 246 7.24 -5.59 8.07
CA PRO A 246 7.72 -6.84 8.68
C PRO A 246 6.60 -7.60 9.43
N VAL A 247 6.94 -8.81 9.90
CA VAL A 247 5.98 -9.72 10.51
C VAL A 247 5.20 -9.07 11.64
N GLU A 248 5.88 -8.28 12.46
CA GLU A 248 5.23 -7.71 13.65
C GLU A 248 4.19 -6.73 13.27
N GLU A 249 4.53 -5.89 12.30
CA GLU A 249 3.59 -4.87 11.83
C GLU A 249 2.42 -5.50 11.09
N LEU A 250 2.63 -6.58 10.35
CA LEU A 250 1.51 -7.26 9.70
C LEU A 250 0.49 -7.81 10.73
N PHE A 251 0.98 -8.48 11.75
CA PHE A 251 0.11 -8.89 12.87
C PHE A 251 -0.72 -7.72 13.29
N LYS A 252 -0.04 -6.59 13.54
CA LYS A 252 -0.72 -5.38 13.94
C LYS A 252 -1.79 -4.96 12.94
N LEU A 253 -1.48 -4.95 11.65
CA LEU A 253 -2.53 -4.65 10.63
C LEU A 253 -3.72 -5.61 10.65
N LEU A 254 -3.45 -6.91 10.77
CA LEU A 254 -4.56 -7.89 10.68
C LEU A 254 -5.42 -7.66 11.92
N LYS A 255 -4.78 -7.48 13.07
CA LYS A 255 -5.49 -7.18 14.31
C LYS A 255 -6.44 -6.00 14.18
N GLU A 256 -6.04 -4.97 13.41
CA GLU A 256 -6.88 -3.75 13.17
C GLU A 256 -7.93 -3.90 12.10
N GLY A 257 -8.01 -5.07 11.49
CA GLY A 257 -9.02 -5.25 10.44
C GLY A 257 -8.62 -4.53 9.17
N HIS A 258 -7.32 -4.22 9.04
CA HIS A 258 -6.81 -3.56 7.81
C HIS A 258 -7.01 -4.49 6.63
N ARG A 259 -7.28 -3.91 5.45
CA ARG A 259 -7.43 -4.66 4.21
C ARG A 259 -6.74 -3.88 3.09
N MET A 260 -6.09 -4.56 2.18
CA MET A 260 -5.42 -3.90 1.10
C MET A 260 -6.41 -3.11 0.29
N ASP A 261 -5.95 -1.94 -0.15
CA ASP A 261 -6.61 -1.05 -1.10
C ASP A 261 -6.99 -1.76 -2.37
N LYS A 262 -8.06 -1.35 -3.01
CA LYS A 262 -8.45 -1.91 -4.27
C LYS A 262 -7.42 -1.53 -5.31
N PRO A 263 -6.89 -2.46 -6.07
CA PRO A 263 -5.89 -2.08 -7.06
C PRO A 263 -6.48 -1.30 -8.19
N SER A 264 -5.70 -0.45 -8.83
CA SER A 264 -6.20 0.33 -9.98
C SER A 264 -6.53 -0.73 -11.00
N ASN A 265 -7.47 -0.48 -11.91
CA ASN A 265 -7.79 -1.48 -12.94
C ASN A 265 -8.41 -2.76 -12.40
N CYS A 266 -9.46 -2.62 -11.65
CA CYS A 266 -10.00 -3.76 -10.99
C CYS A 266 -11.34 -3.25 -10.67
N THR A 267 -12.35 -3.91 -11.21
CA THR A 267 -13.74 -3.54 -11.04
C THR A 267 -14.10 -3.62 -9.55
N ASN A 268 -15.07 -2.85 -9.11
CA ASN A 268 -15.50 -3.02 -7.73
C ASN A 268 -15.95 -4.45 -7.39
N GLU A 269 -16.48 -5.19 -8.36
CA GLU A 269 -17.00 -6.57 -8.14
C GLU A 269 -15.85 -7.56 -7.80
N LEU A 270 -14.76 -7.53 -8.60
CA LEU A 270 -13.54 -8.28 -8.26
C LEU A 270 -12.94 -7.84 -6.94
N TYR A 271 -13.07 -6.56 -6.59
CA TYR A 271 -12.55 -6.13 -5.29
C TYR A 271 -13.47 -6.59 -4.20
N MET A 272 -14.79 -6.62 -4.44
CA MET A 272 -15.64 -7.11 -3.34
C MET A 272 -15.40 -8.64 -3.07
N MET A 273 -15.07 -9.36 -4.14
CA MET A 273 -14.64 -10.77 -4.11
C MET A 273 -13.40 -10.91 -3.27
N MET A 274 -12.34 -10.14 -3.51
CA MET A 274 -11.19 -10.15 -2.57
C MET A 274 -11.59 -9.88 -1.15
N ARG A 275 -12.35 -8.80 -0.94
CA ARG A 275 -12.80 -8.41 0.37
C ARG A 275 -13.67 -9.51 0.97
N ASP A 276 -14.49 -10.19 0.18
CA ASP A 276 -15.31 -11.33 0.70
C ASP A 276 -14.42 -12.50 1.13
N CYS A 277 -13.40 -12.82 0.31
CA CYS A 277 -12.31 -13.76 0.75
C CYS A 277 -11.64 -13.34 2.02
N TRP A 278 -11.54 -12.02 2.26
CA TRP A 278 -10.91 -11.52 3.51
C TRP A 278 -11.87 -11.28 4.70
N HIS A 279 -13.02 -11.95 4.68
CA HIS A 279 -13.95 -11.75 5.77
C HIS A 279 -13.28 -12.31 6.98
N ALA A 280 -13.32 -11.57 8.08
CA ALA A 280 -12.75 -12.03 9.33
C ALA A 280 -13.35 -13.39 9.82
N VAL A 281 -14.59 -13.68 9.42
CA VAL A 281 -15.27 -14.91 9.83
C VAL A 281 -15.30 -15.94 8.67
N PRO A 282 -14.65 -17.08 8.91
CA PRO A 282 -14.40 -17.98 7.78
C PRO A 282 -15.64 -18.48 7.03
N SER A 283 -16.73 -18.73 7.76
CA SER A 283 -17.95 -19.31 7.18
C SER A 283 -18.67 -18.26 6.37
N GLN A 284 -18.25 -17.00 6.56
CA GLN A 284 -18.81 -15.93 5.74
C GLN A 284 -17.98 -15.66 4.47
N ARG A 285 -16.84 -16.34 4.33
CA ARG A 285 -16.07 -16.21 3.08
C ARG A 285 -16.78 -17.03 2.03
N PRO A 286 -16.66 -16.67 0.74
CA PRO A 286 -17.24 -17.63 -0.13
C PRO A 286 -16.47 -19.00 -0.10
N THR A 287 -17.08 -20.04 -0.68
CA THR A 287 -16.37 -21.30 -0.89
C THR A 287 -15.67 -21.28 -2.24
N PHE A 288 -14.76 -22.23 -2.49
CA PHE A 288 -14.21 -22.31 -3.84
C PHE A 288 -15.25 -22.63 -4.90
N LYS A 289 -16.23 -23.41 -4.50
CA LYS A 289 -17.35 -23.72 -5.41
C LYS A 289 -18.12 -22.41 -5.74
N GLN A 290 -18.39 -21.54 -4.76
CA GLN A 290 -19.06 -20.23 -5.05
C GLN A 290 -18.09 -19.37 -5.86
N LEU A 291 -16.81 -19.34 -5.45
CA LEU A 291 -15.76 -18.60 -6.24
C LEU A 291 -15.70 -19.02 -7.71
N VAL A 292 -15.78 -20.33 -7.97
CA VAL A 292 -15.75 -20.83 -9.34
C VAL A 292 -17.04 -20.37 -10.12
N GLU A 293 -18.19 -20.48 -9.48
CA GLU A 293 -19.47 -20.12 -10.15
C GLU A 293 -19.44 -18.62 -10.54
N ASP A 294 -18.98 -17.76 -9.60
CA ASP A 294 -18.90 -16.26 -9.75
C ASP A 294 -17.85 -15.86 -10.78
N LEU A 295 -16.69 -16.52 -10.70
CA LEU A 295 -15.65 -16.24 -11.69
C LEU A 295 -16.02 -16.69 -13.06
N ASP A 296 -16.66 -17.86 -13.16
CA ASP A 296 -17.12 -18.35 -14.47
C ASP A 296 -18.09 -17.32 -15.11
N ARG A 297 -19.03 -16.86 -14.30
CA ARG A 297 -19.96 -15.82 -14.71
C ARG A 297 -19.19 -14.55 -15.06
N ILE A 298 -18.25 -14.12 -14.19
CA ILE A 298 -17.48 -12.87 -14.46
C ILE A 298 -16.67 -12.94 -15.73
N VAL A 299 -15.99 -14.06 -16.00
CA VAL A 299 -15.21 -14.23 -17.24
C VAL A 299 -16.07 -14.03 -18.49
N ALA A 300 -17.24 -14.66 -18.49
CA ALA A 300 -18.16 -14.61 -19.65
C ALA A 300 -18.56 -13.16 -19.97
N LEU A 301 -18.70 -12.34 -18.94
CA LEU A 301 -19.11 -10.93 -19.13
C LEU A 301 -17.97 -9.91 -19.33
N THR A 302 -16.72 -10.35 -19.20
CA THR A 302 -15.56 -9.42 -19.23
C THR A 302 -15.06 -9.24 -20.65
N GLU B 5 8.28 42.21 26.94
CA GLU B 5 9.34 42.46 25.94
C GLU B 5 8.87 42.26 24.46
N LEU B 6 7.56 42.28 24.23
CA LEU B 6 7.01 42.28 22.86
C LEU B 6 6.79 43.73 22.47
N PRO B 7 7.28 44.13 21.30
CA PRO B 7 7.04 45.49 20.84
C PRO B 7 5.70 45.60 20.16
N GLU B 8 5.11 46.79 20.23
CA GLU B 8 3.84 47.06 19.59
C GLU B 8 4.00 47.14 18.09
N ASP B 9 3.01 46.63 17.37
CA ASP B 9 3.01 46.74 15.93
C ASP B 9 1.58 47.10 15.54
N PRO B 10 1.34 48.39 15.29
CA PRO B 10 -0.01 48.87 15.02
C PRO B 10 -0.57 48.33 13.70
N ARG B 11 0.24 47.72 12.87
CA ARG B 11 -0.27 47.08 11.67
C ARG B 11 -1.22 45.89 11.99
N TRP B 12 -1.02 45.23 13.11
CA TRP B 12 -1.65 43.95 13.44
C TRP B 12 -2.34 43.90 14.81
N GLU B 13 -2.11 44.88 15.66
CA GLU B 13 -2.61 44.84 17.02
C GLU B 13 -4.14 44.90 17.05
N LEU B 14 -4.74 44.03 17.83
CA LEU B 14 -6.15 44.07 18.18
C LEU B 14 -6.25 44.15 19.68
N PRO B 15 -7.06 45.06 20.21
CA PRO B 15 -7.24 45.14 21.65
C PRO B 15 -7.82 43.84 22.21
N ARG B 16 -7.29 43.41 23.34
CA ARG B 16 -7.68 42.13 23.96
C ARG B 16 -9.16 42.02 24.16
N ASP B 17 -9.80 43.17 24.40
CA ASP B 17 -11.18 43.08 24.77
C ASP B 17 -12.09 42.85 23.56
N ARG B 18 -11.47 42.84 22.36
CA ARG B 18 -12.19 42.60 21.11
C ARG B 18 -12.17 41.11 20.75
N LEU B 19 -11.54 40.32 21.59
CA LEU B 19 -11.39 38.93 21.26
C LEU B 19 -12.14 38.03 22.23
N VAL B 20 -13.13 37.31 21.77
CA VAL B 20 -13.86 36.44 22.68
C VAL B 20 -13.45 34.98 22.49
N LEU B 21 -12.67 34.49 23.44
CA LEU B 21 -11.98 33.20 23.36
C LEU B 21 -12.96 32.07 23.65
N GLY B 22 -12.91 31.03 22.81
CA GLY B 22 -13.92 29.98 22.74
C GLY B 22 -13.31 28.60 22.93
N LYS B 23 -13.77 27.61 22.20
CA LYS B 23 -13.42 26.22 22.58
C LYS B 23 -12.04 25.83 22.03
N PRO B 24 -11.33 24.84 22.67
CA PRO B 24 -9.99 24.48 22.13
C PRO B 24 -10.06 23.84 20.72
N LEU B 25 -9.11 24.13 19.85
CA LEU B 25 -9.02 23.49 18.53
C LEU B 25 -7.86 22.47 18.42
N GLY B 26 -6.99 22.44 19.44
CA GLY B 26 -5.82 21.55 19.53
C GLY B 26 -4.87 22.02 20.64
N GLU B 27 -4.07 21.10 21.20
CA GLU B 27 -2.95 21.43 22.14
C GLU B 27 -1.61 20.74 21.77
N GLY B 28 -0.58 20.97 22.58
CA GLY B 28 0.69 20.26 22.41
C GLY B 28 1.98 21.02 22.69
N ALA B 29 2.94 20.88 21.77
CA ALA B 29 4.26 21.50 21.89
C ALA B 29 4.27 22.93 21.38
N PHE B 30 3.22 23.31 20.65
CA PHE B 30 3.07 24.64 20.08
C PHE B 30 2.18 25.52 20.96
N GLY B 31 1.68 24.91 22.05
CA GLY B 31 0.80 25.61 22.97
C GLY B 31 -0.60 25.12 22.71
N GLN B 32 -1.55 26.06 22.79
CA GLN B 32 -2.94 25.77 22.42
C GLN B 32 -3.49 26.71 21.35
N VAL B 33 -4.36 26.16 20.50
CA VAL B 33 -5.10 26.92 19.52
C VAL B 33 -6.56 26.85 19.93
N VAL B 34 -7.22 28.02 19.99
CA VAL B 34 -8.63 28.06 20.37
C VAL B 34 -9.42 28.75 19.29
N LEU B 35 -10.70 28.43 19.18
CA LEU B 35 -11.55 29.17 18.31
C LEU B 35 -11.94 30.42 19.10
N ALA B 36 -12.15 31.55 18.39
CA ALA B 36 -12.49 32.84 19.06
C ALA B 36 -13.38 33.58 18.15
N GLU B 37 -14.01 34.63 18.69
CA GLU B 37 -14.75 35.60 17.90
C GLU B 37 -14.02 36.93 18.13
N ALA B 38 -13.75 37.58 17.02
CA ALA B 38 -13.04 38.88 16.98
C ALA B 38 -14.07 39.94 16.65
N ILE B 39 -14.25 40.91 17.53
CA ILE B 39 -15.23 41.97 17.24
C ILE B 39 -14.50 43.08 16.54
N GLY B 40 -14.99 43.51 15.36
CA GLY B 40 -14.38 44.68 14.76
C GLY B 40 -12.95 44.46 14.29
N LEU B 41 -12.79 43.31 13.58
CA LEU B 41 -11.57 42.89 12.93
C LEU B 41 -11.23 43.85 11.85
N ASP B 42 -12.14 44.05 10.91
CA ASP B 42 -12.04 45.22 10.06
C ASP B 42 -12.40 46.42 10.97
N LYS B 43 -11.49 47.39 11.13
CA LYS B 43 -11.80 48.67 11.82
C LYS B 43 -13.04 49.46 11.27
N ASP B 44 -13.41 49.27 9.99
CA ASP B 44 -14.83 49.54 9.51
C ASP B 44 -15.36 48.31 8.78
N LYS B 45 -16.10 47.34 9.40
CA LYS B 45 -17.06 47.48 10.53
C LYS B 45 -16.67 47.04 11.95
N PRO B 46 -16.77 47.98 12.90
CA PRO B 46 -16.44 47.70 14.28
C PRO B 46 -17.46 46.81 14.98
N ASN B 47 -18.65 46.66 14.42
CA ASN B 47 -19.76 45.90 15.07
C ASN B 47 -19.96 44.46 14.57
N ARG B 48 -19.02 43.94 13.78
CA ARG B 48 -19.20 42.61 13.20
C ARG B 48 -18.33 41.63 13.96
N VAL B 49 -18.82 40.43 14.23
CA VAL B 49 -17.93 39.37 14.70
C VAL B 49 -17.44 38.44 13.60
N THR B 50 -16.17 38.09 13.70
CA THR B 50 -15.55 37.06 12.85
C THR B 50 -14.97 35.94 13.68
N LYS B 51 -15.29 34.71 13.30
CA LYS B 51 -14.64 33.53 13.90
C LYS B 51 -13.23 33.39 13.36
N VAL B 52 -12.29 33.19 14.27
CA VAL B 52 -10.89 33.19 13.95
C VAL B 52 -10.28 32.11 14.85
N ALA B 53 -9.03 31.73 14.59
CA ALA B 53 -8.33 30.76 15.41
C ALA B 53 -7.26 31.53 16.13
N VAL B 54 -7.00 31.23 17.39
CA VAL B 54 -6.05 31.98 18.18
C VAL B 54 -5.00 31.02 18.74
N LYS B 55 -3.71 31.31 18.49
CA LYS B 55 -2.58 30.55 19.07
C LYS B 55 -1.94 31.25 20.23
N MET B 56 -1.65 30.48 21.26
CA MET B 56 -1.13 31.01 22.48
C MET B 56 -0.24 29.94 23.16
N LEU B 57 0.59 30.36 24.09
CA LEU B 57 1.49 29.48 24.83
C LEU B 57 0.81 28.88 26.01
N LYS B 58 1.28 27.73 26.46
CA LYS B 58 0.75 27.16 27.67
C LYS B 58 1.45 27.79 28.85
N SER B 59 0.99 27.49 30.05
CA SER B 59 1.67 28.04 31.22
C SER B 59 3.02 27.36 31.43
N ASP B 60 3.21 26.16 30.90
CA ASP B 60 4.51 25.47 30.99
C ASP B 60 5.49 25.82 29.87
N ALA B 61 5.47 27.06 29.40
CA ALA B 61 6.18 27.45 28.20
C ALA B 61 7.50 28.10 28.45
N THR B 62 8.50 27.63 27.73
CA THR B 62 9.86 28.11 27.91
C THR B 62 10.08 29.37 27.12
N GLU B 63 11.14 30.09 27.42
CA GLU B 63 11.49 31.28 26.66
C GLU B 63 11.68 30.95 25.17
N LYS B 64 12.12 29.73 24.85
CA LYS B 64 12.23 29.32 23.47
C LYS B 64 10.86 29.08 22.82
N ASP B 65 9.88 28.62 23.59
CA ASP B 65 8.52 28.43 23.08
C ASP B 65 7.99 29.81 22.60
N LEU B 66 8.12 30.82 23.47
CA LEU B 66 7.76 32.20 23.18
C LEU B 66 8.46 32.65 21.90
N SER B 67 9.77 32.44 21.87
CA SER B 67 10.60 32.86 20.74
C SER B 67 10.09 32.26 19.46
N ASP B 68 9.67 30.98 19.50
CA ASP B 68 9.19 30.30 18.30
C ASP B 68 7.81 30.88 17.81
N LEU B 69 6.98 31.22 18.78
CA LEU B 69 5.64 31.71 18.45
C LEU B 69 5.74 33.05 17.73
N ILE B 70 6.56 33.93 18.29
CA ILE B 70 6.90 35.21 17.67
C ILE B 70 7.50 35.02 16.27
N SER B 71 8.48 34.10 16.10
CA SER B 71 9.05 33.87 14.73
C SER B 71 8.00 33.46 13.74
N GLU B 72 7.07 32.60 14.16
CA GLU B 72 6.02 32.22 13.25
C GLU B 72 5.17 33.44 12.88
N MET B 73 4.80 34.23 13.87
CA MET B 73 4.01 35.43 13.60
C MET B 73 4.74 36.40 12.62
N GLU B 74 6.02 36.66 12.87
CA GLU B 74 6.82 37.58 12.06
C GLU B 74 6.97 37.06 10.66
N MET B 75 7.10 35.72 10.53
CA MET B 75 7.26 35.16 9.21
C MET B 75 5.95 35.30 8.43
N MET B 76 4.83 35.01 9.08
CA MET B 76 3.49 35.30 8.49
C MET B 76 3.32 36.77 8.09
N LYS B 77 3.72 37.72 8.93
CA LYS B 77 3.69 39.16 8.38
C LYS B 77 4.48 39.35 7.07
N MET B 78 5.73 38.88 7.01
CA MET B 78 6.58 39.01 5.82
C MET B 78 5.99 38.31 4.60
N ILE B 79 5.40 37.10 4.79
CA ILE B 79 4.89 36.28 3.61
C ILE B 79 3.71 36.91 2.89
N GLY B 80 2.86 37.64 3.63
CA GLY B 80 1.70 38.28 2.98
C GLY B 80 0.57 37.29 2.69
N LYS B 81 -0.50 37.82 2.07
CA LYS B 81 -1.75 37.07 2.02
C LYS B 81 -1.96 36.28 0.72
N HIS B 82 -2.54 35.10 0.86
CA HIS B 82 -3.01 34.39 -0.29
C HIS B 82 -4.29 33.63 -0.01
N LYS B 83 -5.16 33.47 -1.00
CA LYS B 83 -6.39 32.64 -0.73
C LYS B 83 -6.12 31.20 -0.18
N ASN B 84 -5.00 30.59 -0.59
CA ASN B 84 -4.77 29.20 -0.28
C ASN B 84 -3.74 28.92 0.81
N ILE B 85 -3.58 29.90 1.66
CA ILE B 85 -2.79 29.68 2.93
C ILE B 85 -3.60 30.17 4.14
N ILE B 86 -3.25 29.71 5.35
CA ILE B 86 -3.86 30.25 6.53
C ILE B 86 -3.23 31.62 6.76
N ASN B 87 -4.05 32.67 6.75
CA ASN B 87 -3.48 34.03 6.79
C ASN B 87 -3.51 34.59 8.18
N LEU B 88 -2.56 35.46 8.46
CA LEU B 88 -2.47 36.16 9.75
C LEU B 88 -3.57 37.24 9.72
N LEU B 89 -4.26 37.40 10.84
CA LEU B 89 -5.33 38.43 10.98
C LEU B 89 -5.07 39.53 11.97
N GLY B 90 -4.25 39.26 13.00
CA GLY B 90 -4.03 40.22 14.03
C GLY B 90 -3.27 39.56 15.18
N ALA B 91 -3.00 40.32 16.24
CA ALA B 91 -2.27 39.75 17.39
C ALA B 91 -2.62 40.61 18.57
N CYS B 92 -2.57 40.00 19.78
CA CYS B 92 -2.66 40.72 21.05
C CYS B 92 -1.30 40.47 21.69
N THR B 93 -0.48 41.53 21.78
CA THR B 93 0.92 41.41 22.13
C THR B 93 1.21 42.13 23.44
N GLN B 94 0.33 43.07 23.78
CA GLN B 94 0.55 44.00 24.90
C GLN B 94 -0.21 43.60 26.22
N ASP B 95 0.52 43.65 27.35
CA ASP B 95 -0.05 43.55 28.72
C ASP B 95 -0.89 42.28 28.88
N GLY B 96 -0.23 41.12 28.88
CA GLY B 96 -0.92 39.83 28.85
C GLY B 96 -0.27 38.85 27.88
N PRO B 97 -0.79 37.60 27.81
CA PRO B 97 -0.18 36.56 26.99
C PRO B 97 -0.26 36.90 25.49
N LEU B 98 0.68 36.36 24.71
CA LEU B 98 0.69 36.64 23.30
C LEU B 98 -0.36 35.82 22.60
N TYR B 99 -1.19 36.49 21.80
CA TYR B 99 -2.16 35.80 20.99
C TYR B 99 -1.88 36.11 19.51
N VAL B 100 -1.83 35.08 18.66
CA VAL B 100 -1.61 35.24 17.21
C VAL B 100 -2.90 34.81 16.62
N ILE B 101 -3.55 35.70 15.89
CA ILE B 101 -4.88 35.44 15.39
C ILE B 101 -4.81 35.19 13.90
N VAL B 102 -5.33 34.02 13.51
CA VAL B 102 -5.27 33.61 12.13
C VAL B 102 -6.65 33.14 11.65
N GLU B 103 -6.80 32.92 10.34
CA GLU B 103 -8.04 32.47 9.79
C GLU B 103 -8.43 31.10 10.31
N TYR B 104 -9.73 30.93 10.53
CA TYR B 104 -10.32 29.72 11.03
C TYR B 104 -10.75 28.85 9.90
N ALA B 105 -10.43 27.55 10.00
CA ALA B 105 -10.87 26.56 8.99
C ALA B 105 -11.85 25.59 9.69
N SER B 106 -13.14 25.70 9.36
CA SER B 106 -14.18 24.99 10.18
C SER B 106 -14.22 23.49 9.89
N LYS B 107 -13.78 23.11 8.67
CA LYS B 107 -13.93 21.74 8.23
C LYS B 107 -12.72 20.83 8.47
N GLY B 108 -11.85 21.21 9.41
CA GLY B 108 -10.70 20.38 9.80
C GLY B 108 -9.52 20.31 8.79
N ASN B 109 -8.56 19.44 9.02
CA ASN B 109 -7.53 19.16 8.04
C ASN B 109 -8.00 18.30 6.87
N LEU B 110 -7.28 18.33 5.75
CA LEU B 110 -7.67 17.67 4.53
C LEU B 110 -7.79 16.15 4.65
N ARG B 111 -6.94 15.51 5.43
CA ARG B 111 -7.01 14.06 5.70
C ARG B 111 -8.40 13.79 6.24
N GLU B 112 -8.78 14.49 7.30
CA GLU B 112 -10.11 14.45 7.90
C GLU B 112 -11.26 14.68 6.93
N TYR B 113 -11.25 15.79 6.21
CA TYR B 113 -12.27 16.17 5.25
C TYR B 113 -12.47 15.13 4.14
N LEU B 114 -11.40 14.51 3.67
CA LEU B 114 -11.48 13.44 2.70
C LEU B 114 -12.10 12.16 3.34
N GLN B 115 -11.60 11.76 4.51
CA GLN B 115 -12.08 10.52 5.16
C GLN B 115 -13.59 10.61 5.47
N ALA B 116 -14.05 11.76 5.93
CA ALA B 116 -15.47 11.96 6.28
C ALA B 116 -16.35 11.86 5.07
N ARG B 117 -15.75 11.93 3.88
CA ARG B 117 -16.52 11.92 2.67
C ARG B 117 -16.29 10.70 1.80
N ARG B 118 -15.77 9.60 2.34
CA ARG B 118 -15.69 8.35 1.58
C ARG B 118 -17.13 7.81 1.43
N PRO B 119 -17.43 7.10 0.32
CA PRO B 119 -18.74 6.41 0.24
C PRO B 119 -18.92 5.45 1.41
N PRO B 120 -20.19 5.17 1.78
CA PRO B 120 -20.64 4.71 3.12
C PRO B 120 -19.94 3.47 3.74
N GLU B 133 -20.65 15.32 4.48
CA GLU B 133 -20.60 14.08 3.73
C GLU B 133 -21.65 14.05 2.67
N GLU B 134 -21.26 14.47 1.49
CA GLU B 134 -21.85 14.10 0.22
C GLU B 134 -20.60 13.76 -0.55
N GLN B 135 -20.61 12.72 -1.33
CA GLN B 135 -19.41 12.33 -2.04
C GLN B 135 -18.79 13.45 -2.91
N LEU B 136 -17.48 13.56 -2.82
CA LEU B 136 -16.70 14.46 -3.64
C LEU B 136 -16.70 13.89 -5.02
N SER B 137 -16.88 14.73 -6.04
CA SER B 137 -16.72 14.30 -7.43
C SER B 137 -15.21 14.23 -7.86
N SER B 138 -14.93 13.56 -8.99
CA SER B 138 -13.59 13.58 -9.53
C SER B 138 -13.05 15.01 -9.76
N LYS B 139 -13.86 15.88 -10.35
CA LYS B 139 -13.55 17.31 -10.39
C LYS B 139 -13.14 17.94 -9.02
N ASP B 140 -13.93 17.69 -7.96
CA ASP B 140 -13.67 18.30 -6.67
C ASP B 140 -12.30 17.88 -6.16
N LEU B 141 -11.95 16.62 -6.34
CA LEU B 141 -10.61 16.09 -5.92
C LEU B 141 -9.45 16.78 -6.67
N VAL B 142 -9.55 16.90 -8.00
CA VAL B 142 -8.53 17.60 -8.77
C VAL B 142 -8.44 19.06 -8.37
N SER B 143 -9.61 19.64 -8.08
CA SER B 143 -9.69 21.00 -7.54
C SER B 143 -9.01 21.24 -6.15
N CYS B 144 -9.13 20.29 -5.17
CA CYS B 144 -8.29 20.32 -3.94
C CYS B 144 -6.79 20.34 -4.27
N ALA B 145 -6.37 19.46 -5.18
CA ALA B 145 -4.97 19.37 -5.62
C ALA B 145 -4.53 20.73 -6.20
N TYR B 146 -5.37 21.28 -7.07
CA TYR B 146 -5.10 22.62 -7.64
C TYR B 146 -4.96 23.74 -6.60
N GLN B 147 -5.88 23.83 -5.65
CA GLN B 147 -5.77 24.85 -4.59
C GLN B 147 -4.50 24.71 -3.78
N VAL B 148 -4.16 23.48 -3.41
CA VAL B 148 -2.94 23.24 -2.62
C VAL B 148 -1.72 23.63 -3.45
N ALA B 149 -1.67 23.23 -4.72
CA ALA B 149 -0.55 23.59 -5.61
C ALA B 149 -0.47 25.11 -5.70
N ARG B 150 -1.60 25.81 -5.71
CA ARG B 150 -1.58 27.28 -5.72
C ARG B 150 -1.06 27.93 -4.48
N GLY B 151 -1.49 27.42 -3.32
CA GLY B 151 -0.94 27.92 -2.05
C GLY B 151 0.59 27.75 -2.11
N MET B 152 1.07 26.60 -2.59
CA MET B 152 2.51 26.25 -2.48
C MET B 152 3.30 27.13 -3.51
N GLU B 153 2.75 27.33 -4.72
CA GLU B 153 3.41 28.24 -5.67
C GLU B 153 3.59 29.65 -5.05
N TYR B 154 2.56 30.08 -4.30
CA TYR B 154 2.63 31.37 -3.68
C TYR B 154 3.72 31.36 -2.66
N LEU B 155 3.70 30.38 -1.76
CA LEU B 155 4.71 30.32 -0.70
C LEU B 155 6.16 30.24 -1.33
N ALA B 156 6.30 29.43 -2.40
CA ALA B 156 7.57 29.34 -3.10
C ALA B 156 7.93 30.70 -3.69
N SER B 157 6.98 31.41 -4.27
CA SER B 157 7.23 32.76 -4.82
C SER B 157 7.72 33.75 -3.75
N LYS B 158 7.32 33.52 -2.50
CA LYS B 158 7.80 34.29 -1.37
C LYS B 158 9.05 33.68 -0.71
N LYS B 159 9.67 32.68 -1.34
CA LYS B 159 10.95 32.11 -0.91
C LYS B 159 10.84 31.22 0.35
N CYS B 160 9.64 30.73 0.64
CA CYS B 160 9.33 29.91 1.79
C CYS B 160 9.34 28.44 1.33
N ILE B 161 10.06 27.64 2.08
CA ILE B 161 10.11 26.22 1.88
C ILE B 161 9.32 25.66 3.03
N HIS B 162 8.31 24.86 2.74
CA HIS B 162 7.45 24.34 3.77
C HIS B 162 8.11 23.32 4.69
N ARG B 163 8.67 22.26 4.11
CA ARG B 163 9.35 21.18 4.84
C ARG B 163 8.45 20.07 5.48
N ASP B 164 7.16 20.31 5.65
CA ASP B 164 6.22 19.26 6.05
C ASP B 164 4.83 19.41 5.38
N LEU B 165 4.83 19.49 4.07
CA LEU B 165 3.61 19.51 3.34
C LEU B 165 2.99 18.10 3.39
N ALA B 166 1.73 18.03 3.77
CA ALA B 166 1.01 16.73 4.01
C ALA B 166 -0.42 17.15 4.14
N ALA B 167 -1.38 16.24 3.90
CA ALA B 167 -2.79 16.62 3.99
C ALA B 167 -3.13 17.09 5.39
N ARG B 168 -2.47 16.54 6.41
CA ARG B 168 -2.73 16.99 7.77
C ARG B 168 -2.44 18.46 7.97
N ASN B 169 -1.56 19.04 7.16
CA ASN B 169 -1.19 20.44 7.21
C ASN B 169 -1.85 21.35 6.20
N VAL B 170 -2.96 20.90 5.65
CA VAL B 170 -3.83 21.70 4.80
C VAL B 170 -5.19 21.75 5.48
N LEU B 171 -5.68 22.92 5.83
CA LEU B 171 -6.99 23.00 6.46
C LEU B 171 -8.07 23.43 5.49
N VAL B 172 -9.30 23.09 5.75
CA VAL B 172 -10.38 23.37 4.83
C VAL B 172 -11.42 24.29 5.44
N THR B 173 -11.76 25.36 4.76
CA THR B 173 -12.72 26.32 5.34
C THR B 173 -14.17 25.90 5.16
N GLU B 174 -15.05 26.64 5.84
CA GLU B 174 -16.51 26.45 5.79
C GLU B 174 -16.94 26.42 4.33
N ASP B 175 -16.34 27.26 3.48
CA ASP B 175 -16.61 27.27 2.04
C ASP B 175 -15.69 26.30 1.23
N ASN B 176 -15.06 25.33 1.86
CA ASN B 176 -14.28 24.33 1.08
C ASN B 176 -13.03 24.88 0.36
N VAL B 177 -12.48 25.96 0.89
CA VAL B 177 -11.24 26.48 0.37
C VAL B 177 -10.09 25.73 1.06
N MET B 178 -9.16 25.25 0.27
CA MET B 178 -8.00 24.61 0.83
C MET B 178 -7.01 25.67 1.31
N LYS B 179 -6.48 25.53 2.52
CA LYS B 179 -5.47 26.46 3.05
C LYS B 179 -4.29 25.74 3.66
N ILE B 180 -3.13 25.96 3.10
CA ILE B 180 -1.89 25.48 3.71
C ILE B 180 -1.60 26.13 5.10
N ALA B 181 -1.30 25.31 6.11
CA ALA B 181 -1.03 25.76 7.51
C ALA B 181 0.41 25.43 7.84
N ASP B 182 0.91 26.06 8.87
CA ASP B 182 2.21 25.74 9.47
C ASP B 182 3.36 26.01 8.49
N PHE B 183 3.17 26.90 7.53
CA PHE B 183 4.31 27.27 6.66
C PHE B 183 5.31 28.18 7.33
N GLY B 184 4.99 28.70 8.50
CA GLY B 184 5.86 29.66 9.12
C GLY B 184 6.55 29.09 10.34
N LEU B 185 6.39 27.80 10.60
CA LEU B 185 6.96 27.20 11.85
C LEU B 185 8.48 27.26 11.87
N ALA B 186 8.99 27.54 13.08
CA ALA B 186 10.38 27.32 13.41
C ALA B 186 10.62 25.82 13.62
N ARG B 187 11.52 25.22 12.86
CA ARG B 187 11.93 23.81 13.13
C ARG B 187 13.43 23.55 12.92
N ASP B 188 14.10 23.00 13.94
CA ASP B 188 15.52 22.67 13.83
C ASP B 188 15.58 21.27 13.27
N ILE B 189 15.99 21.18 12.00
CA ILE B 189 15.98 19.92 11.26
C ILE B 189 17.06 18.88 11.72
N HIS B 190 18.09 19.35 12.46
CA HIS B 190 19.12 18.46 13.01
C HIS B 190 18.70 18.01 14.41
N HIS B 191 17.41 18.19 14.68
CA HIS B 191 16.76 17.78 15.92
C HIS B 191 15.47 16.97 15.64
N ILE B 192 15.16 16.67 14.37
CA ILE B 192 13.96 15.88 14.06
C ILE B 192 14.15 14.44 14.53
N ASP B 193 13.20 13.91 15.30
CA ASP B 193 13.22 12.46 15.62
C ASP B 193 12.46 11.74 14.52
N TYR B 194 13.18 10.93 13.72
CA TYR B 194 12.55 10.13 12.67
C TYR B 194 11.59 9.04 13.19
N TYR B 195 11.78 8.61 14.44
CA TYR B 195 10.88 7.60 14.99
C TYR B 195 9.55 8.12 15.61
N LYS B 196 9.43 9.44 15.82
CA LYS B 196 8.21 10.01 16.45
C LYS B 196 6.99 10.04 15.52
N LYS B 197 5.84 9.53 16.00
CA LYS B 197 4.59 9.55 15.23
C LYS B 197 3.74 10.85 15.32
N THR B 198 2.79 11.02 14.40
CA THR B 198 1.82 12.13 14.43
C THR B 198 0.78 11.81 15.50
N THR B 199 -0.06 12.79 15.83
CA THR B 199 -1.28 12.55 16.60
C THR B 199 -2.00 11.28 16.10
N ASN B 200 -2.21 11.20 14.78
CA ASN B 200 -2.93 10.07 14.19
C ASN B 200 -2.12 8.76 14.14
N GLY B 201 -0.89 8.79 14.66
CA GLY B 201 0.04 7.63 14.59
C GLY B 201 0.68 7.31 13.23
N ARG B 202 0.89 8.31 12.38
CA ARG B 202 1.68 8.12 11.16
C ARG B 202 3.03 8.83 11.33
N LEU B 203 3.99 8.48 10.47
CA LEU B 203 5.36 8.96 10.56
C LEU B 203 5.62 10.03 9.50
N PRO B 204 5.91 11.29 9.95
CA PRO B 204 6.29 12.41 9.06
C PRO B 204 7.36 12.06 7.96
N VAL B 205 8.28 11.13 8.24
CA VAL B 205 9.27 10.69 7.25
C VAL B 205 8.66 10.20 5.94
N LYS B 206 7.40 9.77 5.95
CA LYS B 206 6.75 9.23 4.78
C LYS B 206 6.38 10.28 3.70
N TRP B 207 6.52 11.58 4.05
CA TRP B 207 6.28 12.63 3.09
C TRP B 207 7.61 13.24 2.59
N MET B 208 8.73 12.82 3.17
CA MET B 208 9.99 13.53 2.88
C MET B 208 10.73 13.05 1.66
N ALA B 209 11.27 13.98 0.89
CA ALA B 209 12.12 13.60 -0.26
C ALA B 209 13.35 12.85 0.29
N PRO B 210 13.89 11.91 -0.53
CA PRO B 210 15.05 11.17 -0.10
C PRO B 210 16.20 12.11 0.20
N GLU B 211 16.44 13.11 -0.67
CA GLU B 211 17.56 14.02 -0.40
C GLU B 211 17.31 14.86 0.88
N ALA B 212 16.04 15.13 1.23
CA ALA B 212 15.77 15.90 2.52
C ALA B 212 16.05 14.98 3.70
N LEU B 213 15.54 13.79 3.56
CA LEU B 213 15.66 12.77 4.59
C LEU B 213 17.13 12.28 4.77
N PHE B 214 17.80 11.87 3.69
CA PHE B 214 19.17 11.38 3.89
C PHE B 214 20.21 12.45 3.92
N ASP B 215 20.09 13.51 3.07
CA ASP B 215 21.16 14.53 2.96
C ASP B 215 20.83 15.88 3.62
N ARG B 216 19.63 15.98 4.18
CA ARG B 216 19.13 17.25 4.76
C ARG B 216 19.14 18.41 3.81
N ILE B 217 18.86 18.14 2.57
CA ILE B 217 18.77 19.17 1.56
C ILE B 217 17.28 19.51 1.31
N TYR B 218 16.87 20.69 1.73
CA TYR B 218 15.44 21.09 1.67
C TYR B 218 15.30 22.20 0.64
N THR B 219 14.34 22.05 -0.27
CA THR B 219 14.22 23.01 -1.38
C THR B 219 12.78 23.04 -1.80
N HIS B 220 12.41 23.89 -2.74
CA HIS B 220 11.05 23.76 -3.26
C HIS B 220 10.90 22.40 -3.93
N GLN B 221 12.01 21.84 -4.43
CA GLN B 221 11.93 20.56 -5.14
C GLN B 221 11.56 19.47 -4.14
N SER B 222 12.10 19.53 -2.92
CA SER B 222 11.68 18.50 -1.96
C SER B 222 10.23 18.68 -1.47
N ASP B 223 9.77 19.94 -1.42
CA ASP B 223 8.34 20.19 -1.17
C ASP B 223 7.45 19.60 -2.29
N VAL B 224 7.93 19.60 -3.55
CA VAL B 224 7.16 19.00 -4.64
C VAL B 224 7.06 17.50 -4.48
N TRP B 225 8.15 16.85 -4.07
CA TRP B 225 8.05 15.44 -3.63
C TRP B 225 6.90 15.22 -2.60
N SER B 226 6.85 16.05 -1.58
CA SER B 226 5.84 15.94 -0.53
C SER B 226 4.47 16.15 -1.13
N PHE B 227 4.39 17.06 -2.11
CA PHE B 227 3.14 17.32 -2.78
C PHE B 227 2.65 16.06 -3.58
N GLY B 228 3.60 15.33 -4.12
CA GLY B 228 3.24 14.08 -4.77
C GLY B 228 2.62 13.12 -3.77
N VAL B 229 3.23 12.92 -2.60
CA VAL B 229 2.55 12.10 -1.54
C VAL B 229 1.14 12.67 -1.18
N LEU B 230 1.07 13.99 -0.97
CA LEU B 230 -0.22 14.67 -0.79
C LEU B 230 -1.29 14.32 -1.87
N LEU B 231 -0.91 14.39 -3.15
CA LEU B 231 -1.82 14.00 -4.24
C LEU B 231 -2.30 12.54 -4.06
N TRP B 232 -1.36 11.66 -3.67
CA TRP B 232 -1.72 10.27 -3.41
C TRP B 232 -2.75 10.22 -2.24
N GLU B 233 -2.53 11.04 -1.20
CA GLU B 233 -3.50 11.15 -0.10
C GLU B 233 -4.88 11.56 -0.57
N ILE B 234 -4.93 12.53 -1.50
CA ILE B 234 -6.18 13.05 -2.03
C ILE B 234 -6.86 11.95 -2.84
N PHE B 235 -6.14 11.33 -3.77
CA PHE B 235 -6.78 10.38 -4.61
C PHE B 235 -7.15 9.03 -3.98
N THR B 236 -6.57 8.73 -2.81
CA THR B 236 -7.03 7.61 -1.96
C THR B 236 -8.06 8.03 -0.88
N LEU B 237 -8.56 9.25 -0.99
CA LEU B 237 -9.46 9.85 0.01
C LEU B 237 -8.97 9.80 1.41
N GLY B 238 -7.70 10.15 1.61
CA GLY B 238 -7.23 10.31 2.92
C GLY B 238 -6.57 9.03 3.35
N GLY B 239 -6.07 8.27 2.41
CA GLY B 239 -5.34 7.04 2.76
C GLY B 239 -3.99 7.30 3.40
N SER B 240 -3.48 6.32 4.13
CA SER B 240 -2.24 6.46 4.83
C SER B 240 -1.06 5.87 4.00
N PRO B 241 -0.12 6.70 3.57
CA PRO B 241 1.03 6.14 2.79
C PRO B 241 1.85 5.03 3.54
N TYR B 242 2.27 3.95 2.88
CA TYR B 242 3.13 2.93 3.57
C TYR B 242 2.54 2.40 4.89
N PRO B 243 1.25 2.04 4.91
CA PRO B 243 0.68 1.59 6.20
C PRO B 243 1.45 0.36 6.70
N GLY B 244 1.75 0.34 7.99
CA GLY B 244 2.49 -0.78 8.61
C GLY B 244 3.99 -0.82 8.41
N VAL B 245 4.55 0.22 7.78
CA VAL B 245 5.96 0.22 7.44
C VAL B 245 6.68 1.07 8.46
N PRO B 246 7.65 0.49 9.20
CA PRO B 246 8.39 1.34 10.14
C PRO B 246 9.58 2.03 9.46
N VAL B 247 10.17 2.98 10.18
CA VAL B 247 11.18 3.89 9.65
C VAL B 247 12.31 3.17 8.95
N GLU B 248 12.85 2.14 9.59
CA GLU B 248 14.01 1.50 9.00
C GLU B 248 13.65 0.79 7.69
N GLU B 249 12.42 0.29 7.56
CA GLU B 249 11.99 -0.33 6.29
C GLU B 249 11.70 0.70 5.21
N LEU B 250 11.20 1.84 5.61
CA LEU B 250 10.89 2.89 4.63
C LEU B 250 12.19 3.31 3.96
N PHE B 251 13.24 3.45 4.77
CA PHE B 251 14.52 3.89 4.26
C PHE B 251 15.00 2.99 3.15
N LYS B 252 14.84 1.69 3.39
CA LYS B 252 15.26 0.71 2.44
C LYS B 252 14.34 0.77 1.19
N LEU B 253 13.02 0.94 1.38
CA LEU B 253 12.13 1.19 0.22
C LEU B 253 12.63 2.40 -0.59
N LEU B 254 12.90 3.53 0.07
CA LEU B 254 13.47 4.69 -0.65
C LEU B 254 14.78 4.41 -1.42
N LYS B 255 15.75 3.82 -0.71
CA LYS B 255 17.02 3.50 -1.33
C LYS B 255 16.87 2.65 -2.58
N GLU B 256 15.94 1.70 -2.57
CA GLU B 256 15.70 0.79 -3.69
C GLU B 256 14.83 1.43 -4.78
N GLY B 257 14.38 2.66 -4.54
CA GLY B 257 13.64 3.35 -5.57
C GLY B 257 12.20 2.93 -5.69
N HIS B 258 11.63 2.42 -4.61
CA HIS B 258 10.23 1.99 -4.64
C HIS B 258 9.31 3.26 -4.77
N ARG B 259 8.12 3.07 -5.33
CA ARG B 259 7.11 4.13 -5.52
C ARG B 259 5.70 3.51 -5.27
N MET B 260 4.86 4.19 -4.52
CA MET B 260 3.55 3.67 -4.19
C MET B 260 2.77 3.36 -5.45
N ASP B 261 1.84 2.43 -5.31
CA ASP B 261 0.93 2.03 -6.40
C ASP B 261 -0.06 3.13 -6.76
N LYS B 262 -0.51 3.12 -8.01
CA LYS B 262 -1.60 3.99 -8.47
C LYS B 262 -2.88 3.81 -7.64
N PRO B 263 -3.38 4.87 -6.99
CA PRO B 263 -4.70 4.63 -6.33
C PRO B 263 -5.78 4.18 -7.34
N SER B 264 -6.88 3.59 -6.86
CA SER B 264 -7.96 3.20 -7.79
C SER B 264 -8.72 4.48 -8.08
N ASN B 265 -9.44 4.55 -9.18
CA ASN B 265 -10.00 5.87 -9.57
C ASN B 265 -9.00 7.04 -9.48
N CYS B 266 -8.05 6.97 -10.38
CA CYS B 266 -7.06 7.98 -10.53
C CYS B 266 -6.66 7.75 -11.95
N THR B 267 -6.60 8.81 -12.72
CA THR B 267 -6.27 8.69 -14.15
C THR B 267 -4.78 8.32 -14.26
N ASN B 268 -4.36 7.81 -15.42
CA ASN B 268 -2.94 7.64 -15.70
C ASN B 268 -2.20 8.98 -15.63
N GLU B 269 -2.89 10.05 -15.99
CA GLU B 269 -2.26 11.37 -16.07
C GLU B 269 -1.92 11.92 -14.67
N LEU B 270 -2.86 11.76 -13.71
CA LEU B 270 -2.58 12.19 -12.35
C LEU B 270 -1.55 11.29 -11.71
N TYR B 271 -1.58 9.99 -12.02
CA TYR B 271 -0.58 9.06 -11.49
C TYR B 271 0.79 9.39 -12.05
N MET B 272 0.90 9.73 -13.35
CA MET B 272 2.19 10.12 -13.87
C MET B 272 2.65 11.47 -13.20
N MET B 273 1.71 12.36 -12.90
CA MET B 273 2.02 13.56 -12.09
C MET B 273 2.68 13.22 -10.74
N MET B 274 2.11 12.25 -10.03
CA MET B 274 2.68 11.82 -8.75
C MET B 274 4.05 11.27 -8.93
N ARG B 275 4.20 10.32 -9.87
CA ARG B 275 5.56 9.78 -10.21
C ARG B 275 6.60 10.86 -10.60
N ASP B 276 6.17 11.84 -11.38
CA ASP B 276 7.04 13.04 -11.72
C ASP B 276 7.49 13.88 -10.53
N CYS B 277 6.55 14.12 -9.63
CA CYS B 277 6.85 14.67 -8.31
C CYS B 277 7.82 13.79 -7.57
N TRP B 278 7.73 12.48 -7.81
CA TRP B 278 8.62 11.56 -7.10
C TRP B 278 9.90 11.21 -7.85
N HIS B 279 10.32 12.05 -8.79
CA HIS B 279 11.57 11.81 -9.52
C HIS B 279 12.72 11.71 -8.52
N ALA B 280 13.58 10.76 -8.75
CA ALA B 280 14.78 10.59 -7.93
C ALA B 280 15.68 11.85 -8.05
N VAL B 281 15.69 12.54 -9.20
CA VAL B 281 16.60 13.65 -9.40
C VAL B 281 15.86 14.96 -9.13
N PRO B 282 16.26 15.73 -8.06
CA PRO B 282 15.37 16.86 -7.74
C PRO B 282 15.11 17.85 -8.86
N SER B 283 16.11 18.15 -9.69
CA SER B 283 16.01 19.10 -10.80
C SER B 283 15.02 18.67 -11.85
N GLN B 284 14.77 17.36 -11.91
CA GLN B 284 13.80 16.79 -12.87
C GLN B 284 12.31 16.77 -12.44
N ARG B 285 11.99 17.11 -11.16
CA ARG B 285 10.60 17.17 -10.78
C ARG B 285 9.99 18.43 -11.41
N PRO B 286 8.67 18.40 -11.65
CA PRO B 286 7.94 19.61 -12.04
C PRO B 286 8.06 20.65 -10.90
N THR B 287 7.93 21.95 -11.20
CA THR B 287 7.95 23.01 -10.13
C THR B 287 6.48 23.23 -9.76
N PHE B 288 6.19 24.02 -8.71
CA PHE B 288 4.74 24.20 -8.44
C PHE B 288 4.12 25.03 -9.51
N LYS B 289 4.90 25.91 -10.16
CA LYS B 289 4.35 26.73 -11.23
C LYS B 289 3.82 25.80 -12.34
N GLN B 290 4.59 24.80 -12.71
CA GLN B 290 4.12 23.85 -13.72
C GLN B 290 2.90 23.01 -13.24
N LEU B 291 2.97 22.51 -12.01
CA LEU B 291 1.82 21.82 -11.42
C LEU B 291 0.53 22.62 -11.41
N VAL B 292 0.61 23.90 -11.10
CA VAL B 292 -0.56 24.75 -11.11
C VAL B 292 -1.15 24.77 -12.52
N GLU B 293 -0.30 25.00 -13.54
CA GLU B 293 -0.74 24.98 -14.94
C GLU B 293 -1.38 23.68 -15.44
N ASP B 294 -0.69 22.57 -15.21
CA ASP B 294 -1.23 21.24 -15.54
C ASP B 294 -2.54 20.96 -14.80
N LEU B 295 -2.54 21.23 -13.47
CA LEU B 295 -3.76 20.98 -12.67
C LEU B 295 -4.91 21.91 -13.06
N ASP B 296 -4.61 23.15 -13.41
CA ASP B 296 -5.63 24.01 -14.08
C ASP B 296 -6.28 23.36 -15.32
N ARG B 297 -5.47 22.94 -16.28
CA ARG B 297 -6.00 22.25 -17.46
C ARG B 297 -6.82 20.98 -17.06
N ILE B 298 -6.30 20.18 -16.11
CA ILE B 298 -6.97 18.95 -15.72
C ILE B 298 -8.30 19.21 -15.05
N VAL B 299 -8.37 20.24 -14.21
CA VAL B 299 -9.64 20.58 -13.59
C VAL B 299 -10.71 20.83 -14.66
N ALA B 300 -10.43 21.76 -15.59
CA ALA B 300 -11.28 22.00 -16.76
C ALA B 300 -11.73 20.75 -17.58
N LEU B 301 -10.85 19.80 -17.81
CA LEU B 301 -11.19 18.58 -18.59
C LEU B 301 -11.82 17.40 -17.80
N THR B 302 -12.10 17.59 -16.51
CA THR B 302 -12.41 16.48 -15.60
C THR B 302 -13.89 16.51 -15.27
N SER B 303 -14.55 15.36 -15.39
CA SER B 303 -16.01 15.32 -15.26
C SER B 303 -16.51 15.59 -13.81
N ASN B 304 -17.51 16.47 -13.70
CA ASN B 304 -18.33 16.59 -12.47
C ASN B 304 -19.44 15.50 -12.40
N GLN B 305 -19.58 14.75 -13.50
CA GLN B 305 -20.70 13.79 -13.79
C GLN B 305 -22.13 14.40 -14.01
#